data_6LX8
#
_entry.id   6LX8
#
_cell.length_a   44.904
_cell.length_b   61.538
_cell.length_c   52.969
_cell.angle_alpha   90.000
_cell.angle_beta   106.470
_cell.angle_gamma   90.000
#
_symmetry.space_group_name_H-M   'P 1 21 1'
#
loop_
_entity.id
_entity.type
_entity.pdbx_description
1 polymer 'Peroxisome proliferator-activated receptor alpha'
2 non-polymer GLYCEROL
3 non-polymer 'OLEIC ACID'
4 water water
#
_entity_poly.entity_id   1
_entity_poly.type   'polypeptide(L)'
_entity_poly.pdbx_seq_one_letter_code
;GSHMTADLKSLAKRIYEAYLKNFNMNKVKARVILSGKASNNPPFVIHDMETLCMAEKTLVAKLVANGIQNKEAEVRIFHC
CQCTSVETVTELTEFAKAIPGFANLDLNDQVTLLKYGVYEAIFAMLSSVMNKDGMLVAYGNGFITREFLKSLRKPFCDIM
EPKFDFAMKFNALELDDSDISLFVAAIICCGDRPGLLNVGHIEKMQEGIVHVLRLHLQSNHPDDIFLFPKLLQKMADLRQ
LVTEHAQLVQIIKKTESDAALHPLLQEIYRDMY
;
_entity_poly.pdbx_strand_id   A
#
loop_
_chem_comp.id
_chem_comp.type
_chem_comp.name
_chem_comp.formula
GOL non-polymer GLYCEROL 'C3 H8 O3'
OLA non-polymer 'OLEIC ACID' 'C18 H34 O2'
#
# COMPACT_ATOMS: atom_id res chain seq x y z
N ASP A 7 -4.03 15.18 -24.93
CA ASP A 7 -4.95 14.58 -24.00
C ASP A 7 -4.23 13.69 -22.98
N LEU A 8 -3.11 13.05 -23.34
CA LEU A 8 -2.43 12.15 -22.41
C LEU A 8 -1.78 12.89 -21.25
N LYS A 9 -1.19 14.07 -21.52
CA LYS A 9 -0.66 14.87 -20.43
C LYS A 9 -1.76 15.30 -19.46
N SER A 10 -2.91 15.69 -20.01
CA SER A 10 -4.02 16.06 -19.15
C SER A 10 -4.47 14.89 -18.30
N LEU A 11 -4.55 13.70 -18.90
CA LEU A 11 -4.97 12.52 -18.14
C LEU A 11 -3.97 12.20 -17.03
N ALA A 12 -2.67 12.29 -17.34
CA ALA A 12 -1.70 12.08 -16.25
C ALA A 12 -1.96 13.04 -15.10
N LYS A 13 -2.24 14.32 -15.40
CA LYS A 13 -2.49 15.31 -14.36
C LYS A 13 -3.77 14.98 -13.59
N ARG A 14 -4.81 14.53 -14.29
CA ARG A 14 -6.04 14.14 -13.62
C ARG A 14 -5.78 13.03 -12.59
N ILE A 15 -5.03 12.01 -13.01
N ILE A 15 -5.01 12.01 -12.98
CA ILE A 15 -4.70 10.89 -12.11
CA ILE A 15 -4.76 10.91 -12.07
C ILE A 15 -3.92 11.39 -10.90
C ILE A 15 -3.90 11.36 -10.88
N TYR A 16 -2.90 12.22 -11.14
CA TYR A 16 -2.11 12.78 -10.04
C TYR A 16 -2.99 13.56 -9.06
N GLU A 17 -3.88 14.39 -9.59
CA GLU A 17 -4.75 15.17 -8.72
C GLU A 17 -5.68 14.27 -7.91
N ALA A 18 -6.19 13.19 -8.52
CA ALA A 18 -7.05 12.26 -7.81
C ALA A 18 -6.27 11.55 -6.70
N TYR A 19 -4.99 11.29 -6.94
N TYR A 19 -4.99 11.27 -6.95
CA TYR A 19 -4.16 10.67 -5.93
CA TYR A 19 -4.12 10.68 -5.93
C TYR A 19 -3.92 11.61 -4.76
C TYR A 19 -3.96 11.63 -4.76
N LEU A 20 -3.63 12.88 -5.05
CA LEU A 20 -3.44 13.85 -3.98
C LEU A 20 -4.70 14.04 -3.18
N LYS A 21 -5.86 13.94 -3.83
CA LYS A 21 -7.11 14.15 -3.11
C LYS A 21 -7.47 12.96 -2.24
N ASN A 22 -7.23 11.75 -2.71
CA ASN A 22 -7.83 10.59 -2.08
C ASN A 22 -6.93 9.87 -1.09
N PHE A 23 -5.61 10.05 -1.14
CA PHE A 23 -4.73 9.37 -0.19
C PHE A 23 -4.28 10.31 0.89
N ASN A 24 -4.41 9.87 2.14
CA ASN A 24 -4.10 10.77 3.25
C ASN A 24 -2.62 11.04 3.32
N MET A 25 -1.81 10.11 2.80
CA MET A 25 -0.37 10.22 2.80
C MET A 25 0.11 10.31 1.37
N ASN A 26 1.07 11.18 1.12
CA ASN A 26 1.75 11.21 -0.17
C ASN A 26 3.24 11.38 0.12
N LYS A 27 4.06 11.26 -0.92
CA LYS A 27 5.49 11.19 -0.66
C LYS A 27 6.05 12.53 -0.17
N VAL A 28 5.56 13.67 -0.69
CA VAL A 28 6.01 14.96 -0.18
C VAL A 28 5.63 15.10 1.31
N LYS A 29 4.38 14.80 1.65
CA LYS A 29 3.98 14.90 3.06
C LYS A 29 4.84 14.01 3.94
N ALA A 30 5.12 12.80 3.47
CA ALA A 30 5.91 11.87 4.27
C ALA A 30 7.34 12.37 4.45
N ARG A 31 7.92 12.88 3.37
CA ARG A 31 9.30 13.37 3.47
C ARG A 31 9.40 14.56 4.40
N VAL A 32 8.40 15.43 4.41
CA VAL A 32 8.44 16.55 5.35
C VAL A 32 8.50 16.04 6.78
N ILE A 33 7.66 15.04 7.10
CA ILE A 33 7.68 14.48 8.45
C ILE A 33 9.00 13.78 8.72
N LEU A 34 9.44 12.92 7.80
CA LEU A 34 10.64 12.14 8.01
C LEU A 34 11.88 13.02 8.15
N SER A 35 11.85 14.25 7.61
CA SER A 35 13.01 15.14 7.68
C SER A 35 13.22 15.73 9.06
N GLY A 36 12.17 15.80 9.89
CA GLY A 36 12.23 16.57 11.12
C GLY A 36 11.69 17.95 10.86
N ASN A 40 4.40 20.69 14.40
CA ASN A 40 3.51 20.97 15.53
C ASN A 40 3.07 19.68 16.19
N ASN A 41 3.05 18.58 15.45
N ASN A 41 3.05 18.60 15.40
CA ASN A 41 2.78 17.26 16.04
CA ASN A 41 2.73 17.26 15.89
C ASN A 41 3.79 16.28 15.47
C ASN A 41 3.81 16.30 15.40
N PRO A 42 5.03 16.37 15.94
CA PRO A 42 6.09 15.48 15.44
C PRO A 42 5.78 14.05 15.79
N PRO A 43 6.30 13.09 15.02
CA PRO A 43 5.93 11.68 15.24
C PRO A 43 6.54 11.11 16.52
N PHE A 44 5.77 10.30 17.20
N PHE A 44 5.72 10.35 17.25
CA PHE A 44 6.33 9.65 18.37
CA PHE A 44 6.18 9.48 18.33
C PHE A 44 7.08 8.39 17.93
C PHE A 44 7.14 8.43 17.77
N VAL A 45 8.34 8.29 18.33
CA VAL A 45 9.24 7.23 17.87
C VAL A 45 9.01 5.95 18.69
N ILE A 46 8.73 4.87 17.99
CA ILE A 46 8.45 3.55 18.60
C ILE A 46 9.64 2.67 18.26
N HIS A 47 10.50 2.42 19.25
CA HIS A 47 11.72 1.66 19.01
C HIS A 47 11.87 0.50 19.97
N ASP A 48 10.96 0.35 20.93
CA ASP A 48 11.03 -0.74 21.91
C ASP A 48 9.65 -0.89 22.52
N MET A 49 9.50 -1.83 23.46
N MET A 49 9.53 -1.82 23.45
CA MET A 49 8.18 -2.08 24.03
CA MET A 49 8.23 -2.09 24.06
C MET A 49 7.71 -0.89 24.86
C MET A 49 7.73 -0.89 24.84
N GLU A 50 8.61 -0.22 25.59
CA GLU A 50 8.21 0.95 26.36
C GLU A 50 7.58 2.01 25.48
N THR A 51 8.26 2.37 24.39
CA THR A 51 7.73 3.41 23.50
C THR A 51 6.54 2.92 22.69
N LEU A 52 6.44 1.64 22.31
CA LEU A 52 5.18 1.17 21.75
C LEU A 52 4.01 1.45 22.69
N CYS A 53 4.17 1.07 23.96
CA CYS A 53 3.04 1.18 24.87
C CYS A 53 2.68 2.64 25.13
N MET A 54 3.68 3.52 25.23
CA MET A 54 3.43 4.96 25.32
C MET A 54 2.70 5.47 24.09
N ALA A 55 3.15 5.07 22.90
CA ALA A 55 2.50 5.54 21.68
C ALA A 55 1.05 5.09 21.62
N GLU A 56 0.78 3.84 21.98
CA GLU A 56 -0.58 3.33 21.94
C GLU A 56 -1.49 4.13 22.85
N LYS A 57 -0.99 4.49 24.04
CA LYS A 57 -1.88 5.19 24.97
C LYS A 57 -2.28 6.54 24.42
N THR A 58 -1.45 7.17 23.59
CA THR A 58 -1.85 8.43 22.97
C THR A 58 -2.57 8.26 21.64
N LEU A 59 -2.11 7.34 20.80
CA LEU A 59 -2.54 7.29 19.41
C LEU A 59 -3.67 6.32 19.13
N VAL A 60 -3.83 5.26 19.95
CA VAL A 60 -4.89 4.26 19.75
C VAL A 60 -5.39 3.84 21.13
N ALA A 61 -5.87 4.82 21.89
CA ALA A 61 -6.07 4.56 23.32
C ALA A 61 -7.09 3.45 23.57
N LYS A 62 -8.12 3.36 22.74
CA LYS A 62 -9.17 2.36 22.94
C LYS A 62 -8.58 0.96 22.90
N LEU A 63 -7.55 0.75 22.09
CA LEU A 63 -6.97 -0.58 21.92
C LEU A 63 -6.23 -1.04 23.17
N VAL A 64 -5.82 -0.13 24.03
CA VAL A 64 -5.11 -0.55 25.22
C VAL A 64 -5.88 -0.15 26.50
N ALA A 65 -7.17 0.10 26.37
CA ALA A 65 -7.99 0.52 27.49
C ALA A 65 -8.63 -0.68 28.23
N ASN A 66 -8.16 -1.90 28.00
CA ASN A 66 -8.82 -3.12 28.47
C ASN A 66 -8.12 -3.78 29.65
N GLY A 67 -7.16 -3.12 30.27
CA GLY A 67 -6.51 -3.72 31.44
C GLY A 67 -5.80 -5.01 31.08
N ILE A 68 -5.88 -6.00 31.98
CA ILE A 68 -5.23 -7.28 31.72
C ILE A 68 -5.87 -8.02 30.55
N GLN A 69 -6.99 -7.52 30.02
CA GLN A 69 -7.62 -8.07 28.82
C GLN A 69 -7.03 -7.51 27.52
N ASN A 70 -6.15 -6.53 27.59
CA ASN A 70 -5.45 -6.09 26.39
C ASN A 70 -4.80 -7.29 25.71
N LYS A 71 -4.80 -7.29 24.38
CA LYS A 71 -4.14 -8.36 23.66
C LYS A 71 -2.63 -8.20 23.75
N GLU A 72 -1.91 -9.26 23.40
CA GLU A 72 -0.46 -9.29 23.30
C GLU A 72 0.04 -8.18 22.36
N ALA A 73 1.24 -7.63 22.65
CA ALA A 73 1.73 -6.49 21.87
C ALA A 73 1.75 -6.79 20.37
N GLU A 74 2.22 -7.99 19.98
CA GLU A 74 2.32 -8.32 18.56
C GLU A 74 0.96 -8.32 17.91
N VAL A 75 -0.06 -8.78 18.63
CA VAL A 75 -1.41 -8.83 18.10
C VAL A 75 -1.99 -7.42 17.98
N ARG A 76 -1.75 -6.56 18.97
CA ARG A 76 -2.13 -5.15 18.85
C ARG A 76 -1.48 -4.53 17.63
N ILE A 77 -0.19 -4.82 17.40
CA ILE A 77 0.48 -4.23 16.23
C ILE A 77 -0.17 -4.71 14.94
N PHE A 78 -0.43 -6.03 14.85
CA PHE A 78 -1.05 -6.57 13.65
C PHE A 78 -2.44 -5.97 13.45
N HIS A 79 -3.17 -5.71 14.55
CA HIS A 79 -4.46 -5.05 14.42
C HIS A 79 -4.30 -3.67 13.79
N CYS A 80 -3.30 -2.92 14.25
CA CYS A 80 -3.03 -1.59 13.69
C CYS A 80 -2.62 -1.66 12.23
N CYS A 81 -1.84 -2.71 11.86
CA CYS A 81 -1.54 -2.94 10.44
C CYS A 81 -2.82 -3.10 9.64
N GLN A 82 -3.76 -3.90 10.17
CA GLN A 82 -4.99 -4.16 9.43
C GLN A 82 -5.82 -2.89 9.29
N CYS A 83 -5.86 -2.07 10.31
CA CYS A 83 -6.62 -0.82 10.21
C CYS A 83 -6.05 0.06 9.11
N THR A 84 -4.72 0.10 8.98
CA THR A 84 -4.13 0.88 7.91
C THR A 84 -4.54 0.30 6.54
N SER A 85 -4.51 -1.03 6.38
CA SER A 85 -4.95 -1.63 5.12
C SER A 85 -6.39 -1.29 4.81
N VAL A 86 -7.27 -1.39 5.81
CA VAL A 86 -8.68 -1.12 5.56
C VAL A 86 -8.87 0.31 5.10
N GLU A 87 -8.17 1.24 5.72
CA GLU A 87 -8.28 2.64 5.30
C GLU A 87 -7.73 2.83 3.89
N THR A 88 -6.60 2.19 3.58
CA THR A 88 -6.02 2.36 2.25
C THR A 88 -6.92 1.72 1.20
N VAL A 89 -7.60 0.63 1.54
CA VAL A 89 -8.56 0.04 0.62
C VAL A 89 -9.68 1.04 0.27
N THR A 90 -10.23 1.77 1.27
CA THR A 90 -11.23 2.79 1.03
C THR A 90 -10.71 3.88 0.10
N GLU A 91 -9.47 4.36 0.36
CA GLU A 91 -8.89 5.42 -0.47
C GLU A 91 -8.70 4.94 -1.88
N LEU A 92 -8.22 3.70 -2.05
CA LEU A 92 -7.97 3.16 -3.40
C LEU A 92 -9.27 3.00 -4.18
N THR A 93 -10.35 2.61 -3.50
CA THR A 93 -11.64 2.42 -4.16
C THR A 93 -12.15 3.74 -4.74
N GLU A 94 -11.99 4.85 -4.02
CA GLU A 94 -12.39 6.15 -4.54
C GLU A 94 -11.43 6.64 -5.62
N PHE A 95 -10.11 6.44 -5.41
CA PHE A 95 -9.14 6.79 -6.44
C PHE A 95 -9.46 6.14 -7.78
N ALA A 96 -9.87 4.86 -7.78
CA ALA A 96 -10.08 4.12 -9.01
C ALA A 96 -11.12 4.79 -9.90
N LYS A 97 -12.05 5.53 -9.31
CA LYS A 97 -13.03 6.24 -10.16
C LYS A 97 -12.39 7.19 -11.16
N ALA A 98 -11.17 7.64 -10.90
CA ALA A 98 -10.54 8.59 -11.81
C ALA A 98 -9.91 7.92 -13.01
N ILE A 99 -9.79 6.60 -13.01
CA ILE A 99 -9.12 5.88 -14.08
C ILE A 99 -10.10 5.73 -15.24
N PRO A 100 -9.76 6.23 -16.44
CA PRO A 100 -10.72 6.14 -17.55
C PRO A 100 -11.16 4.71 -17.77
N GLY A 101 -12.47 4.52 -17.81
CA GLY A 101 -13.06 3.25 -18.09
C GLY A 101 -13.43 2.44 -16.87
N PHE A 102 -12.83 2.75 -15.72
CA PHE A 102 -13.03 1.89 -14.56
C PHE A 102 -14.47 1.93 -14.09
N ALA A 103 -15.03 3.13 -13.96
CA ALA A 103 -16.40 3.27 -13.50
C ALA A 103 -17.40 2.78 -14.54
N ASN A 104 -16.96 2.55 -15.79
CA ASN A 104 -17.86 2.00 -16.80
C ASN A 104 -17.90 0.48 -16.78
N LEU A 105 -17.03 -0.17 -16.01
CA LEU A 105 -17.02 -1.63 -15.91
C LEU A 105 -18.19 -2.11 -15.07
N ASP A 106 -18.58 -3.37 -15.30
CA ASP A 106 -19.51 -4.04 -14.42
C ASP A 106 -19.01 -3.98 -12.97
N LEU A 107 -19.94 -3.78 -12.04
CA LEU A 107 -19.57 -3.73 -10.63
C LEU A 107 -18.71 -4.92 -10.21
N ASN A 108 -19.04 -6.12 -10.69
CA ASN A 108 -18.29 -7.30 -10.25
C ASN A 108 -16.84 -7.26 -10.70
N ASP A 109 -16.59 -6.72 -11.88
CA ASP A 109 -15.22 -6.58 -12.36
C ASP A 109 -14.48 -5.50 -11.59
N GLN A 110 -15.15 -4.41 -11.26
CA GLN A 110 -14.51 -3.41 -10.38
C GLN A 110 -14.07 -4.06 -9.07
N VAL A 111 -14.94 -4.89 -8.50
CA VAL A 111 -14.62 -5.55 -7.25
C VAL A 111 -13.40 -6.46 -7.42
N THR A 112 -13.39 -7.28 -8.48
CA THR A 112 -12.26 -8.16 -8.74
C THR A 112 -10.96 -7.39 -8.94
N LEU A 113 -10.98 -6.31 -9.72
CA LEU A 113 -9.74 -5.58 -9.94
C LEU A 113 -9.21 -5.01 -8.62
N LEU A 114 -10.11 -4.48 -7.78
CA LEU A 114 -9.70 -3.93 -6.49
C LEU A 114 -9.23 -5.04 -5.58
N LYS A 115 -9.90 -6.20 -5.62
CA LYS A 115 -9.53 -7.32 -4.75
C LYS A 115 -8.07 -7.72 -4.92
N TYR A 116 -7.63 -7.89 -6.17
CA TYR A 116 -6.27 -8.32 -6.48
C TYR A 116 -5.27 -7.18 -6.47
N GLY A 117 -5.74 -5.95 -6.68
CA GLY A 117 -4.85 -4.84 -6.83
C GLY A 117 -4.53 -4.15 -5.52
N VAL A 118 -5.45 -4.18 -4.53
CA VAL A 118 -5.25 -3.30 -3.36
C VAL A 118 -3.93 -3.58 -2.64
N TYR A 119 -3.58 -4.85 -2.38
CA TYR A 119 -2.34 -5.05 -1.61
C TYR A 119 -1.10 -4.76 -2.44
N GLU A 120 -1.14 -4.92 -3.76
CA GLU A 120 0.00 -4.50 -4.57
C GLU A 120 0.17 -2.99 -4.47
N ALA A 121 -0.95 -2.27 -4.57
CA ALA A 121 -0.91 -0.82 -4.39
C ALA A 121 -0.45 -0.41 -2.98
N ILE A 122 -0.95 -1.12 -1.94
CA ILE A 122 -0.56 -0.81 -0.57
C ILE A 122 0.95 -0.91 -0.43
N PHE A 123 1.54 -2.01 -0.92
CA PHE A 123 2.96 -2.17 -0.67
C PHE A 123 3.79 -1.22 -1.52
N ALA A 124 3.30 -0.86 -2.72
CA ALA A 124 4.00 0.16 -3.49
C ALA A 124 3.99 1.50 -2.77
N MET A 125 2.82 1.91 -2.29
CA MET A 125 2.71 3.20 -1.58
C MET A 125 3.38 3.21 -0.20
N LEU A 126 3.47 2.05 0.47
CA LEU A 126 4.20 1.96 1.74
C LEU A 126 5.65 2.45 1.60
N SER A 127 6.26 2.23 0.42
CA SER A 127 7.62 2.68 0.21
C SER A 127 7.75 4.17 0.49
N SER A 128 6.70 4.96 0.24
CA SER A 128 6.78 6.40 0.43
C SER A 128 6.95 6.80 1.89
N VAL A 129 6.53 5.95 2.82
CA VAL A 129 6.65 6.25 4.24
C VAL A 129 7.77 5.47 4.90
N MET A 130 8.57 4.77 4.11
CA MET A 130 9.66 3.93 4.64
C MET A 130 11.01 4.55 4.31
N ASN A 131 11.90 4.50 5.29
CA ASN A 131 13.33 4.61 5.01
C ASN A 131 14.05 3.39 5.59
N LYS A 132 15.37 3.36 5.51
CA LYS A 132 16.08 2.16 5.90
C LYS A 132 15.98 1.88 7.39
N ASP A 133 15.52 2.86 8.17
CA ASP A 133 15.43 2.69 9.62
C ASP A 133 14.04 2.45 10.15
N GLY A 134 12.99 2.70 9.39
CA GLY A 134 11.66 2.61 9.96
C GLY A 134 10.60 3.18 9.03
N MET A 135 9.40 3.33 9.57
CA MET A 135 8.27 3.74 8.73
C MET A 135 7.30 4.62 9.51
N LEU A 136 6.69 5.57 8.79
CA LEU A 136 5.62 6.33 9.44
C LEU A 136 4.38 5.49 9.61
N VAL A 137 3.67 5.74 10.72
CA VAL A 137 2.41 5.07 11.01
C VAL A 137 1.43 6.08 11.61
N ALA A 138 0.18 5.64 11.76
CA ALA A 138 -0.83 6.42 12.49
C ALA A 138 -0.95 7.84 11.93
N TYR A 139 -1.25 7.91 10.62
CA TYR A 139 -1.50 9.17 9.93
C TYR A 139 -0.35 10.15 10.13
N GLY A 140 0.88 9.63 10.05
CA GLY A 140 2.08 10.45 10.17
C GLY A 140 2.49 10.84 11.57
N ASN A 141 1.83 10.29 12.59
CA ASN A 141 2.08 10.69 13.96
C ASN A 141 2.93 9.72 14.73
N GLY A 142 3.36 8.63 14.10
CA GLY A 142 4.32 7.74 14.72
C GLY A 142 5.37 7.31 13.70
N PHE A 143 6.53 6.91 14.23
CA PHE A 143 7.58 6.33 13.40
C PHE A 143 8.02 5.07 14.12
N ILE A 144 7.80 3.91 13.51
CA ILE A 144 8.14 2.64 14.17
C ILE A 144 9.39 2.08 13.50
N THR A 145 10.36 1.64 14.31
CA THR A 145 11.63 1.26 13.69
C THR A 145 11.58 -0.13 13.07
N ARG A 146 12.38 -0.26 12.01
CA ARG A 146 12.53 -1.52 11.31
C ARG A 146 13.06 -2.59 12.24
N GLU A 147 14.02 -2.21 13.09
CA GLU A 147 14.59 -3.19 14.04
C GLU A 147 13.56 -3.62 15.07
N PHE A 148 12.70 -2.69 15.54
CA PHE A 148 11.70 -3.11 16.50
C PHE A 148 10.74 -4.13 15.89
N LEU A 149 10.30 -3.89 14.65
CA LEU A 149 9.41 -4.85 14.02
C LEU A 149 10.09 -6.20 13.83
N LYS A 150 11.39 -6.21 13.52
CA LYS A 150 12.14 -7.47 13.42
C LYS A 150 12.26 -8.17 14.76
N SER A 151 12.10 -7.43 15.86
CA SER A 151 12.30 -8.00 17.19
C SER A 151 11.08 -8.74 17.71
N LEU A 152 9.93 -8.57 17.07
CA LEU A 152 8.68 -9.18 17.50
C LEU A 152 8.77 -10.70 17.48
N ARG A 153 7.94 -11.35 18.28
CA ARG A 153 7.95 -12.82 18.19
C ARG A 153 7.41 -13.30 16.84
N LYS A 154 7.95 -14.44 16.41
CA LYS A 154 7.41 -15.10 15.23
C LYS A 154 5.93 -15.40 15.44
N PRO A 155 5.10 -15.28 14.42
CA PRO A 155 5.43 -14.95 13.02
C PRO A 155 5.34 -13.46 12.71
N PHE A 156 5.09 -12.65 13.73
CA PHE A 156 4.79 -11.24 13.46
C PHE A 156 6.00 -10.46 12.99
N CYS A 157 7.22 -10.86 13.42
CA CYS A 157 8.43 -10.23 12.90
C CYS A 157 8.65 -10.46 11.41
N ASP A 158 7.91 -11.37 10.79
CA ASP A 158 8.16 -11.70 9.40
C ASP A 158 7.25 -10.91 8.47
N ILE A 159 6.36 -10.05 9.01
CA ILE A 159 5.42 -9.31 8.17
C ILE A 159 6.13 -8.22 7.38
N MET A 160 6.86 -7.34 8.07
CA MET A 160 7.20 -6.08 7.42
C MET A 160 8.53 -6.16 6.69
N GLU A 161 9.45 -7.03 7.09
CA GLU A 161 10.78 -6.98 6.51
C GLU A 161 10.79 -7.14 5.00
N PRO A 162 10.00 -8.02 4.37
CA PRO A 162 10.04 -8.07 2.88
C PRO A 162 9.50 -6.79 2.27
N LYS A 163 8.61 -6.10 3.00
CA LYS A 163 8.09 -4.84 2.46
C LYS A 163 9.17 -3.74 2.52
N PHE A 164 9.96 -3.71 3.60
CA PHE A 164 11.10 -2.80 3.62
C PHE A 164 12.09 -3.12 2.50
N ASP A 165 12.36 -4.41 2.26
CA ASP A 165 13.31 -4.78 1.21
C ASP A 165 12.82 -4.27 -0.15
N PHE A 166 11.52 -4.47 -0.43
CA PHE A 166 10.97 -3.95 -1.67
C PHE A 166 11.14 -2.45 -1.73
N ALA A 167 10.79 -1.77 -0.64
CA ALA A 167 10.73 -0.32 -0.65
C ALA A 167 12.10 0.30 -0.85
N MET A 168 13.16 -0.31 -0.28
CA MET A 168 14.45 0.34 -0.41
C MET A 168 14.87 0.42 -1.89
N LYS A 169 14.64 -0.66 -2.63
CA LYS A 169 14.94 -0.64 -4.07
C LYS A 169 13.96 0.25 -4.84
N PHE A 170 12.67 0.19 -4.49
CA PHE A 170 11.69 1.04 -5.15
C PHE A 170 12.02 2.51 -4.96
N ASN A 171 12.40 2.88 -3.73
CA ASN A 171 12.71 4.28 -3.44
C ASN A 171 13.96 4.75 -4.20
N ALA A 172 14.88 3.82 -4.51
CA ALA A 172 16.09 4.20 -5.24
C ALA A 172 15.78 4.59 -6.68
N LEU A 173 14.58 4.25 -7.17
CA LEU A 173 14.14 4.76 -8.48
C LEU A 173 13.81 6.25 -8.46
N GLU A 174 13.63 6.84 -7.28
CA GLU A 174 13.40 8.27 -7.11
C GLU A 174 12.15 8.72 -7.86
N LEU A 175 11.09 7.94 -7.79
CA LEU A 175 9.81 8.39 -8.31
C LEU A 175 9.23 9.51 -7.45
N ASP A 176 8.40 10.34 -8.06
CA ASP A 176 7.62 11.30 -7.30
C ASP A 176 6.14 10.93 -7.38
N ASP A 177 5.30 11.70 -6.69
CA ASP A 177 3.88 11.38 -6.62
C ASP A 177 3.22 11.36 -8.01
N SER A 178 3.68 12.19 -8.94
CA SER A 178 3.08 12.13 -10.28
C SER A 178 3.34 10.79 -10.95
N ASP A 179 4.51 10.19 -10.70
CA ASP A 179 4.80 8.85 -11.19
C ASP A 179 4.00 7.80 -10.43
N ILE A 180 4.02 7.89 -9.08
CA ILE A 180 3.42 6.83 -8.26
C ILE A 180 1.93 6.75 -8.52
N SER A 181 1.27 7.89 -8.71
CA SER A 181 -0.18 7.90 -8.97
C SER A 181 -0.51 7.06 -10.21
N LEU A 182 0.28 7.23 -11.27
CA LEU A 182 0.04 6.46 -12.50
C LEU A 182 0.41 5.01 -12.34
N PHE A 183 1.47 4.73 -11.57
CA PHE A 183 1.84 3.34 -11.28
C PHE A 183 0.73 2.62 -10.51
N VAL A 184 0.15 3.27 -9.51
CA VAL A 184 -0.97 2.69 -8.75
C VAL A 184 -2.18 2.47 -9.67
N ALA A 185 -2.46 3.43 -10.57
CA ALA A 185 -3.52 3.21 -11.54
C ALA A 185 -3.24 2.01 -12.42
N ALA A 186 -1.99 1.83 -12.86
CA ALA A 186 -1.67 0.67 -13.70
C ALA A 186 -1.81 -0.64 -12.94
N ILE A 187 -1.43 -0.67 -11.66
CA ILE A 187 -1.65 -1.88 -10.84
C ILE A 187 -3.10 -2.28 -10.84
N ILE A 188 -3.99 -1.31 -10.70
CA ILE A 188 -5.40 -1.62 -10.58
C ILE A 188 -5.93 -2.19 -11.90
N CYS A 189 -5.40 -1.73 -13.03
CA CYS A 189 -5.86 -2.11 -14.38
C CYS A 189 -5.09 -3.30 -14.95
N CYS A 190 -5.11 -4.44 -14.28
CA CYS A 190 -4.48 -5.63 -14.83
C CYS A 190 -5.55 -6.52 -15.41
N GLY A 191 -5.42 -6.86 -16.71
CA GLY A 191 -6.46 -7.67 -17.32
C GLY A 191 -6.35 -9.17 -17.06
N ASP A 192 -5.31 -9.62 -16.39
CA ASP A 192 -5.15 -11.05 -16.16
C ASP A 192 -5.55 -11.48 -14.75
N ARG A 193 -6.28 -10.64 -14.01
CA ARG A 193 -6.74 -11.07 -12.70
C ARG A 193 -7.70 -12.25 -12.86
N PRO A 194 -7.64 -13.22 -11.96
CA PRO A 194 -8.56 -14.35 -12.02
C PRO A 194 -10.02 -13.91 -11.92
N GLY A 195 -10.87 -14.51 -12.76
CA GLY A 195 -12.30 -14.31 -12.60
C GLY A 195 -12.89 -13.08 -13.26
N LEU A 196 -12.14 -12.35 -14.08
CA LEU A 196 -12.72 -11.17 -14.72
C LEU A 196 -13.68 -11.61 -15.80
N LEU A 197 -14.74 -10.81 -16.02
N LEU A 197 -14.78 -10.87 -15.91
CA LEU A 197 -15.78 -11.17 -16.99
CA LEU A 197 -15.75 -11.13 -16.97
C LEU A 197 -15.78 -10.34 -18.27
C LEU A 197 -15.32 -10.46 -18.27
N ASN A 198 -15.24 -9.13 -18.26
CA ASN A 198 -15.04 -8.37 -19.49
C ASN A 198 -13.55 -8.10 -19.71
N VAL A 199 -12.82 -9.18 -20.00
CA VAL A 199 -11.37 -9.06 -20.10
C VAL A 199 -10.99 -8.10 -21.22
N GLY A 200 -11.76 -8.10 -22.31
CA GLY A 200 -11.38 -7.25 -23.41
C GLY A 200 -11.39 -5.78 -23.05
N HIS A 201 -12.45 -5.33 -22.41
CA HIS A 201 -12.51 -3.90 -22.06
C HIS A 201 -11.48 -3.56 -21.01
N ILE A 202 -11.20 -4.47 -20.08
CA ILE A 202 -10.15 -4.20 -19.09
C ILE A 202 -8.79 -4.12 -19.75
N GLU A 203 -8.51 -5.01 -20.72
CA GLU A 203 -7.23 -4.91 -21.41
C GLU A 203 -7.08 -3.57 -22.11
N LYS A 204 -8.17 -3.03 -22.67
N LYS A 204 -8.17 -3.03 -22.67
CA LYS A 204 -8.03 -1.72 -23.31
CA LYS A 204 -8.06 -1.73 -23.31
C LYS A 204 -7.85 -0.62 -22.29
C LYS A 204 -7.84 -0.63 -22.28
N MET A 205 -8.52 -0.73 -21.13
CA MET A 205 -8.31 0.23 -20.07
C MET A 205 -6.85 0.19 -19.61
N GLN A 206 -6.30 -1.02 -19.45
CA GLN A 206 -4.89 -1.21 -19.07
C GLN A 206 -3.96 -0.59 -20.12
N GLU A 207 -4.19 -0.91 -21.39
CA GLU A 207 -3.35 -0.35 -22.43
C GLU A 207 -3.34 1.18 -22.35
N GLY A 208 -4.50 1.79 -22.08
CA GLY A 208 -4.56 3.24 -22.06
C GLY A 208 -3.78 3.84 -20.92
N ILE A 209 -3.94 3.27 -19.71
CA ILE A 209 -3.23 3.84 -18.57
C ILE A 209 -1.74 3.57 -18.67
N VAL A 210 -1.37 2.40 -19.18
CA VAL A 210 0.05 2.10 -19.32
C VAL A 210 0.70 3.03 -20.35
N HIS A 211 -0.04 3.38 -21.41
CA HIS A 211 0.45 4.36 -22.37
C HIS A 211 0.71 5.71 -21.70
N VAL A 212 -0.24 6.18 -20.89
CA VAL A 212 -0.06 7.43 -20.13
C VAL A 212 1.18 7.31 -19.24
N LEU A 213 1.28 6.19 -18.51
CA LEU A 213 2.45 5.99 -17.66
C LEU A 213 3.75 6.04 -18.44
N ARG A 214 3.79 5.35 -19.59
N ARG A 214 3.81 5.33 -19.58
CA ARG A 214 5.03 5.29 -20.36
CA ARG A 214 5.03 5.30 -20.38
C ARG A 214 5.44 6.69 -20.85
C ARG A 214 5.43 6.70 -20.81
N LEU A 215 4.48 7.46 -21.38
CA LEU A 215 4.82 8.80 -21.84
C LEU A 215 5.19 9.72 -20.68
N HIS A 216 4.52 9.56 -19.54
CA HIS A 216 4.89 10.41 -18.40
C HIS A 216 6.30 10.12 -17.93
N LEU A 217 6.68 8.85 -17.82
CA LEU A 217 8.03 8.54 -17.34
C LEU A 217 9.10 9.05 -18.32
N GLN A 218 8.84 8.95 -19.63
CA GLN A 218 9.73 9.50 -20.64
C GLN A 218 9.99 10.98 -20.40
N SER A 219 8.91 11.72 -20.11
N SER A 219 8.93 11.71 -20.07
CA SER A 219 9.03 13.17 -19.86
CA SER A 219 9.00 13.15 -19.86
C SER A 219 9.69 13.44 -18.51
C SER A 219 9.60 13.51 -18.50
N ASN A 220 9.22 12.78 -17.46
CA ASN A 220 9.61 13.14 -16.11
C ASN A 220 10.94 12.56 -15.67
N HIS A 221 11.43 11.54 -16.36
CA HIS A 221 12.68 10.89 -16.02
C HIS A 221 13.49 10.69 -17.29
N PRO A 222 13.91 11.79 -17.93
CA PRO A 222 14.74 11.67 -19.14
C PRO A 222 16.06 10.98 -18.90
N ASP A 223 16.52 10.90 -17.66
CA ASP A 223 17.81 10.31 -17.35
C ASP A 223 17.79 8.78 -17.26
N ASP A 224 16.63 8.14 -17.18
CA ASP A 224 16.56 6.69 -16.88
C ASP A 224 15.74 6.04 -17.99
N ILE A 225 16.43 5.63 -19.06
CA ILE A 225 15.69 5.19 -20.24
C ILE A 225 15.00 3.85 -20.07
N PHE A 226 15.32 3.08 -19.03
CA PHE A 226 14.68 1.82 -18.75
C PHE A 226 13.64 1.92 -17.63
N LEU A 227 13.30 3.13 -17.19
CA LEU A 227 12.42 3.20 -16.01
C LEU A 227 11.07 2.51 -16.25
N PHE A 228 10.48 2.62 -17.45
CA PHE A 228 9.20 1.94 -17.67
C PHE A 228 9.33 0.41 -17.52
N PRO A 229 10.26 -0.28 -18.18
CA PRO A 229 10.37 -1.72 -17.91
C PRO A 229 10.78 -2.04 -16.46
N LYS A 230 11.56 -1.19 -15.80
CA LYS A 230 11.84 -1.41 -14.38
C LYS A 230 10.53 -1.47 -13.62
N LEU A 231 9.61 -0.54 -13.91
CA LEU A 231 8.34 -0.51 -13.18
C LEU A 231 7.44 -1.66 -13.56
N LEU A 232 7.44 -2.12 -14.84
CA LEU A 232 6.72 -3.35 -15.14
C LEU A 232 7.22 -4.50 -14.30
N GLN A 233 8.55 -4.60 -14.13
CA GLN A 233 9.07 -5.66 -13.27
C GLN A 233 8.64 -5.45 -11.82
N LYS A 234 8.63 -4.21 -11.35
CA LYS A 234 8.17 -3.99 -9.97
C LYS A 234 6.72 -4.45 -9.79
N MET A 235 5.89 -4.32 -10.83
CA MET A 235 4.50 -4.79 -10.71
C MET A 235 4.46 -6.31 -10.52
N ALA A 236 5.27 -7.03 -11.28
CA ALA A 236 5.37 -8.48 -11.09
C ALA A 236 5.97 -8.82 -9.72
N ASP A 237 6.98 -8.07 -9.27
CA ASP A 237 7.53 -8.32 -7.94
C ASP A 237 6.46 -8.12 -6.87
N LEU A 238 5.60 -7.10 -7.04
CA LEU A 238 4.54 -6.85 -6.06
C LEU A 238 3.52 -7.98 -6.04
N ARG A 239 3.18 -8.54 -7.22
CA ARG A 239 2.29 -9.67 -7.22
C ARG A 239 2.87 -10.82 -6.40
N GLN A 240 4.17 -11.07 -6.54
N GLN A 240 4.17 -11.10 -6.55
CA GLN A 240 4.77 -12.15 -5.76
CA GLN A 240 4.77 -12.15 -5.76
C GLN A 240 4.82 -11.80 -4.27
C GLN A 240 4.78 -11.80 -4.27
N LEU A 241 5.08 -10.54 -3.94
CA LEU A 241 5.09 -10.13 -2.54
C LEU A 241 3.71 -10.35 -1.91
N VAL A 242 2.64 -10.05 -2.65
CA VAL A 242 1.28 -10.22 -2.12
C VAL A 242 0.95 -11.70 -1.94
N THR A 243 1.30 -12.54 -2.92
CA THR A 243 1.06 -13.98 -2.74
C THR A 243 1.74 -14.48 -1.47
N GLU A 244 2.98 -14.08 -1.26
CA GLU A 244 3.70 -14.49 -0.07
C GLU A 244 3.06 -13.90 1.19
N HIS A 245 2.63 -12.64 1.12
CA HIS A 245 2.00 -12.02 2.28
C HIS A 245 0.72 -12.74 2.65
N ALA A 246 -0.08 -13.10 1.64
CA ALA A 246 -1.33 -13.80 1.93
C ALA A 246 -1.04 -15.14 2.59
N GLN A 247 0.04 -15.82 2.17
CA GLN A 247 0.38 -17.09 2.82
C GLN A 247 0.72 -16.89 4.30
N LEU A 248 1.47 -15.82 4.62
CA LEU A 248 1.77 -15.56 6.02
C LEU A 248 0.51 -15.20 6.81
N VAL A 249 -0.40 -14.42 6.22
CA VAL A 249 -1.63 -14.08 6.92
C VAL A 249 -2.43 -15.35 7.22
N GLN A 250 -2.40 -16.33 6.31
CA GLN A 250 -3.13 -17.57 6.56
C GLN A 250 -2.49 -18.34 7.71
N ILE A 251 -1.16 -18.35 7.80
CA ILE A 251 -0.51 -18.93 8.97
C ILE A 251 -0.98 -18.26 10.25
N ILE A 252 -0.97 -16.92 10.27
CA ILE A 252 -1.44 -16.19 11.45
C ILE A 252 -2.87 -16.57 11.77
N LYS A 253 -3.74 -16.58 10.75
CA LYS A 253 -5.14 -16.94 10.95
C LYS A 253 -5.29 -18.31 11.60
N LYS A 254 -4.53 -19.31 11.12
CA LYS A 254 -4.67 -20.67 11.63
C LYS A 254 -4.06 -20.82 13.02
N THR A 255 -3.01 -20.07 13.34
CA THR A 255 -2.20 -20.39 14.52
C THR A 255 -2.28 -19.32 15.61
N GLU A 256 -2.87 -18.16 15.35
CA GLU A 256 -2.92 -17.06 16.33
C GLU A 256 -4.38 -16.69 16.55
N SER A 257 -5.00 -17.30 17.57
CA SER A 257 -6.44 -17.15 17.74
C SER A 257 -6.84 -15.72 18.06
N ASP A 258 -5.96 -14.93 18.68
CA ASP A 258 -6.32 -13.57 19.09
C ASP A 258 -6.19 -12.54 17.97
N ALA A 259 -5.56 -12.92 16.86
CA ALA A 259 -5.25 -11.97 15.80
C ALA A 259 -6.39 -11.95 14.80
N ALA A 260 -7.52 -11.45 15.27
CA ALA A 260 -8.72 -11.41 14.45
C ALA A 260 -8.49 -10.64 13.17
N LEU A 261 -8.96 -11.19 12.07
CA LEU A 261 -8.87 -10.54 10.78
C LEU A 261 -10.14 -9.75 10.52
N HIS A 262 -9.98 -8.47 10.17
CA HIS A 262 -11.10 -7.62 9.79
C HIS A 262 -11.90 -8.27 8.64
N PRO A 263 -13.24 -8.26 8.70
CA PRO A 263 -14.01 -8.96 7.67
C PRO A 263 -13.75 -8.43 6.27
N LEU A 264 -13.43 -7.14 6.10
CA LEU A 264 -13.17 -6.66 4.75
C LEU A 264 -11.91 -7.30 4.20
N LEU A 265 -10.88 -7.45 5.03
CA LEU A 265 -9.64 -8.03 4.55
C LEU A 265 -9.79 -9.53 4.37
N GLN A 266 -10.57 -10.18 5.23
CA GLN A 266 -10.85 -11.58 5.03
C GLN A 266 -11.50 -11.83 3.67
N GLU A 267 -12.40 -10.95 3.27
CA GLU A 267 -13.02 -11.09 1.95
C GLU A 267 -12.01 -10.87 0.82
N ILE A 268 -11.12 -9.87 0.98
CA ILE A 268 -10.06 -9.68 -0.01
C ILE A 268 -9.23 -10.94 -0.15
N TYR A 269 -8.83 -11.53 0.98
CA TYR A 269 -7.94 -12.68 0.90
C TYR A 269 -8.64 -13.94 0.39
N ARG A 270 -9.96 -14.00 0.49
CA ARG A 270 -10.68 -15.24 0.25
C ARG A 270 -10.61 -15.62 -1.22
N ASP A 271 -10.08 -16.81 -1.50
CA ASP A 271 -9.96 -17.31 -2.87
C ASP A 271 -8.99 -16.47 -3.68
N MET A 272 -8.13 -15.68 -3.03
CA MET A 272 -7.27 -14.80 -3.83
C MET A 272 -6.21 -15.62 -4.57
N TYR A 273 -5.34 -16.31 -3.83
CA TYR A 273 -4.27 -17.10 -4.43
C TYR A 273 -4.27 -18.54 -3.89
C1 GOL B . 11.99 7.85 -0.02
O1 GOL B . 12.49 9.16 -0.16
C2 GOL B . 10.78 7.83 0.94
O2 GOL B . 9.77 8.72 0.53
C3 GOL B . 11.17 8.21 2.36
O3 GOL B . 12.29 7.45 2.76
H11 GOL B . 11.71 7.53 -0.88
H12 GOL B . 12.69 7.29 0.33
HO1 GOL B . 13.29 9.14 -0.45
H2 GOL B . 10.41 6.94 0.95
HO2 GOL B . 9.98 9.51 0.77
H31 GOL B . 10.43 8.04 2.96
H32 GOL B . 11.40 9.16 2.39
HO3 GOL B . 12.58 7.74 3.52
C1 OLA C . -2.81 -6.81 6.45
O1 OLA C . -2.59 -7.95 5.93
O2 OLA C . -3.71 -6.07 6.02
C2 OLA C . -1.97 -6.28 7.60
C3 OLA C . -0.48 -6.42 7.29
C4 OLA C . -0.11 -5.65 6.03
C5 OLA C . -0.14 -4.14 6.26
C6 OLA C . 1.28 -3.58 6.12
C7 OLA C . 1.24 -2.06 6.31
C8 OLA C . 1.26 -1.74 7.78
C9 OLA C . 1.09 -0.27 8.06
C10 OLA C . 1.50 0.26 9.18
C11 OLA C . 2.19 -0.54 10.30
C12 OLA C . 1.66 -0.20 11.69
C13 OLA C . 2.59 -0.75 12.76
C14 OLA C . 2.03 -0.65 14.18
C15 OLA C . 1.80 0.79 14.61
C16 OLA C . 1.44 0.96 16.09
C17 OLA C . 1.10 2.41 16.41
C18 OLA C . 0.75 2.59 17.89
H21 OLA C . -2.18 -5.34 7.75
H22 OLA C . -2.17 -6.78 8.41
H31 OLA C . -0.28 -7.35 7.16
H32 OLA C . 0.03 -6.07 8.04
H41 OLA C . 0.78 -5.91 5.76
H42 OLA C . -0.74 -5.88 5.33
H51 OLA C . -0.49 -3.95 7.14
H52 OLA C . -0.72 -3.73 5.59
H61 OLA C . 1.84 -3.97 6.80
H62 OLA C . 1.63 -3.80 5.24
H71 OLA C . 0.43 -1.70 5.90
H72 OLA C . 2.02 -1.67 5.88
H81 OLA C . 2.09 -2.04 8.16
H82 OLA C . 0.52 -2.22 8.20
H9 OLA C . 0.68 0.27 7.42
H10 OLA C . 1.37 1.18 9.31
H111 OLA C . 3.14 -0.36 10.27
H112 OLA C . 2.05 -1.49 10.14
H121 OLA C . 0.77 -0.57 11.80
H122 OLA C . 1.60 0.77 11.77
H131 OLA C . 2.77 -1.69 12.56
H132 OLA C . 3.43 -0.27 12.72
H141 OLA C . 2.65 -1.07 14.79
H142 OLA C . 1.19 -1.12 14.21
H151 OLA C . 2.61 1.30 14.43
H152 OLA C . 1.09 1.17 14.08
H161 OLA C . 2.19 0.68 16.64
H162 OLA C . 0.68 0.40 16.30
H171 OLA C . 0.34 2.69 15.86
H172 OLA C . 1.86 2.97 16.19
H181 OLA C . 0.66 3.53 18.09
H182 OLA C . -0.08 2.13 18.07
H183 OLA C . 1.46 2.21 18.44
#